data_1OXM
#
_entry.id   1OXM
#
_cell.length_a   37.200
_cell.length_b   69.200
_cell.length_c   73.300
_cell.angle_alpha   90.00
_cell.angle_beta   93.80
_cell.angle_gamma   90.00
#
_symmetry.space_group_name_H-M   'P 1 21 1'
#
loop_
_entity.id
_entity.type
_entity.pdbx_description
1 polymer CUTINASE
2 non-polymer 'BUTYL-PHOSPHINIC ACID 2,3-BIS-BUTYLCARBAMOYLOXY-PROPYL ESTER GROUP'
3 water water
#
_entity_poly.entity_id   1
_entity_poly.type   'polypeptide(L)'
_entity_poly.pdbx_seq_one_letter_code
;LPTSNPAQELEARQLGRTTRDDLINGNSASCADVIFIYARGSTETGNLGTLGPSIASNLESAFGKDGVWIQGVGGAYRAT
LGDNALPRGTSSAAIREMLGLFQQANTKCPDATLIAGGYSQGAALAAASIEDLDSAIRDKIAGTVLFGYTKNLQNRGRIP
NYPADRTKVFCNTGDLVCTGSLIVAAPHLAYGPDARGPAPEFLIEKVRAVRGSA
;
_entity_poly.pdbx_strand_id   A,B
#
loop_
_chem_comp.id
_chem_comp.type
_chem_comp.name
_chem_comp.formula
TC4 non-polymer 'BUTYL-PHOSPHINIC ACID 2,3-BIS-BUTYLCARBAMOYLOXY-PROPYL ESTER GROUP' 'C17 H35 N2 O6 P'
#
# COMPACT_ATOMS: atom_id res chain seq x y z
N ARG A 17 0.05 2.26 -24.21
CA ARG A 17 -1.09 2.41 -23.29
C ARG A 17 -1.26 1.16 -22.43
N THR A 18 -2.12 1.26 -21.43
CA THR A 18 -2.35 0.19 -20.46
C THR A 18 -3.20 -1.02 -20.89
N THR A 19 -3.69 -1.03 -22.12
CA THR A 19 -4.50 -2.14 -22.60
C THR A 19 -4.01 -2.61 -23.97
N ARG A 20 -3.67 -3.89 -24.07
CA ARG A 20 -3.21 -4.47 -25.34
C ARG A 20 -3.81 -5.85 -25.46
N ASP A 21 -4.46 -6.11 -26.59
CA ASP A 21 -5.09 -7.41 -26.85
C ASP A 21 -4.67 -7.89 -28.24
N ASP A 22 -3.40 -7.75 -28.58
CA ASP A 22 -2.92 -8.15 -29.90
C ASP A 22 -3.24 -9.59 -30.31
N LEU A 23 -3.25 -10.52 -29.36
CA LEU A 23 -3.52 -11.91 -29.67
C LEU A 23 -5.00 -12.18 -29.94
N ILE A 24 -5.87 -11.69 -29.06
CA ILE A 24 -7.30 -11.87 -29.23
C ILE A 24 -7.81 -11.20 -30.53
N ASN A 25 -7.25 -10.04 -30.84
CA ASN A 25 -7.63 -9.26 -32.03
C ASN A 25 -6.91 -9.71 -33.30
N GLY A 26 -5.71 -10.25 -33.14
CA GLY A 26 -4.90 -10.65 -34.27
C GLY A 26 -5.43 -11.67 -35.25
N ASN A 27 -4.97 -11.54 -36.50
CA ASN A 27 -5.37 -12.44 -37.58
C ASN A 27 -4.50 -13.68 -37.67
N SER A 28 -5.16 -14.82 -37.66
CA SER A 28 -4.50 -16.11 -37.76
C SER A 28 -3.67 -16.21 -39.05
N ALA A 29 -4.08 -15.47 -40.07
CA ALA A 29 -3.37 -15.48 -41.36
C ALA A 29 -2.11 -14.61 -41.41
N SER A 30 -1.95 -13.71 -40.45
CA SER A 30 -0.78 -12.86 -40.40
C SER A 30 -0.19 -12.78 -38.99
N CYS A 31 0.21 -13.95 -38.48
CA CYS A 31 0.80 -14.08 -37.15
C CYS A 31 2.13 -13.37 -36.97
N ALA A 32 2.38 -12.95 -35.74
CA ALA A 32 3.64 -12.31 -35.38
C ALA A 32 4.60 -13.45 -35.00
N ASP A 33 5.90 -13.20 -35.08
CA ASP A 33 6.89 -14.20 -34.74
C ASP A 33 6.95 -14.45 -33.23
N VAL A 34 6.71 -13.41 -32.45
CA VAL A 34 6.78 -13.50 -30.99
C VAL A 34 5.48 -13.00 -30.39
N ILE A 35 5.06 -13.64 -29.30
CA ILE A 35 3.83 -13.27 -28.63
C ILE A 35 4.14 -13.15 -27.14
N PHE A 36 3.91 -11.95 -26.58
CA PHE A 36 4.18 -11.64 -25.18
C PHE A 36 2.90 -11.54 -24.38
N ILE A 37 2.75 -12.42 -23.39
CA ILE A 37 1.58 -12.41 -22.52
C ILE A 37 2.04 -11.90 -21.14
N TYR A 38 1.37 -10.87 -20.64
CA TYR A 38 1.73 -10.23 -19.37
C TYR A 38 0.57 -10.05 -18.39
N ALA A 39 0.85 -10.28 -17.11
CA ALA A 39 -0.15 -10.15 -16.04
C ALA A 39 0.25 -9.01 -15.09
N ARG A 40 -0.67 -8.06 -14.89
CA ARG A 40 -0.43 -6.89 -14.04
C ARG A 40 -0.55 -7.15 -12.53
N GLY A 41 -0.10 -6.18 -11.74
CA GLY A 41 -0.20 -6.28 -10.29
C GLY A 41 -1.59 -5.95 -9.79
N SER A 42 -1.84 -6.23 -8.51
CA SER A 42 -3.13 -5.97 -7.88
C SER A 42 -3.54 -4.52 -8.07
N THR A 43 -4.81 -4.30 -8.39
CA THR A 43 -5.30 -2.94 -8.52
C THR A 43 -4.90 -2.15 -9.79
N GLU A 44 -3.88 -2.60 -10.53
CA GLU A 44 -3.43 -1.89 -11.72
C GLU A 44 -4.50 -1.76 -12.81
N THR A 45 -4.36 -0.72 -13.63
CA THR A 45 -5.34 -0.43 -14.70
C THR A 45 -5.09 -1.12 -16.03
N GLY A 46 -6.15 -1.17 -16.85
CA GLY A 46 -6.06 -1.81 -18.15
C GLY A 46 -5.67 -3.26 -17.94
N ASN A 47 -4.89 -3.83 -18.84
CA ASN A 47 -4.47 -5.20 -18.63
C ASN A 47 -2.95 -5.31 -18.60
N LEU A 48 -2.29 -4.14 -18.56
CA LEU A 48 -0.83 -4.08 -18.53
C LEU A 48 -0.28 -3.33 -17.30
N GLY A 49 -1.07 -2.44 -16.73
CA GLY A 49 -0.62 -1.71 -15.55
C GLY A 49 0.54 -0.77 -15.80
N THR A 50 1.34 -0.52 -14.76
CA THR A 50 2.49 0.39 -14.82
C THR A 50 3.74 -0.13 -15.53
N LEU A 51 4.04 -1.42 -15.36
CA LEU A 51 5.26 -1.98 -15.96
C LEU A 51 5.12 -2.54 -17.38
N GLY A 52 3.98 -3.15 -17.70
CA GLY A 52 3.77 -3.72 -19.02
C GLY A 52 4.04 -2.79 -20.20
N PRO A 53 3.53 -1.54 -20.16
CA PRO A 53 3.76 -0.60 -21.27
C PRO A 53 5.25 -0.36 -21.57
N SER A 54 6.08 -0.32 -20.54
CA SER A 54 7.52 -0.09 -20.72
C SER A 54 8.22 -1.26 -21.38
N ILE A 55 7.81 -2.46 -21.01
CA ILE A 55 8.41 -3.65 -21.60
C ILE A 55 7.97 -3.74 -23.06
N ALA A 56 6.67 -3.54 -23.29
CA ALA A 56 6.12 -3.62 -24.63
C ALA A 56 6.84 -2.67 -25.59
N SER A 57 7.04 -1.42 -25.17
CA SER A 57 7.73 -0.41 -25.99
C SER A 57 9.06 -0.94 -26.46
N ASN A 58 9.82 -1.51 -25.53
CA ASN A 58 11.13 -2.07 -25.84
C ASN A 58 11.04 -3.28 -26.75
N LEU A 59 10.04 -4.13 -26.54
CA LEU A 59 9.87 -5.31 -27.39
C LEU A 59 9.59 -4.88 -28.82
N GLU A 60 8.75 -3.86 -28.98
CA GLU A 60 8.42 -3.36 -30.31
C GLU A 60 9.60 -2.73 -31.04
N SER A 61 10.55 -2.16 -30.30
CA SER A 61 11.73 -1.57 -30.92
C SER A 61 12.67 -2.65 -31.41
N ALA A 62 12.65 -3.79 -30.72
CA ALA A 62 13.53 -4.90 -31.10
C ALA A 62 12.95 -5.75 -32.23
N PHE A 63 11.64 -6.02 -32.17
CA PHE A 63 10.99 -6.86 -33.17
C PHE A 63 10.10 -6.14 -34.19
N GLY A 64 9.77 -4.88 -33.93
CA GLY A 64 8.90 -4.13 -34.82
C GLY A 64 7.43 -4.38 -34.51
N LYS A 65 6.59 -3.39 -34.79
CA LYS A 65 5.15 -3.50 -34.53
C LYS A 65 4.50 -4.76 -35.12
N ASP A 66 5.08 -5.28 -36.20
CA ASP A 66 4.53 -6.47 -36.85
C ASP A 66 5.19 -7.78 -36.41
N GLY A 67 6.31 -7.68 -35.71
CA GLY A 67 7.01 -8.88 -35.28
C GLY A 67 6.65 -9.38 -33.89
N VAL A 68 5.89 -8.60 -33.14
CA VAL A 68 5.51 -9.00 -31.78
C VAL A 68 4.06 -8.62 -31.46
N TRP A 69 3.35 -9.50 -30.76
CA TRP A 69 1.99 -9.25 -30.33
C TRP A 69 2.04 -9.12 -28.80
N ILE A 70 1.56 -8.00 -28.28
CA ILE A 70 1.53 -7.73 -26.86
C ILE A 70 0.12 -8.05 -26.39
N GLN A 71 -0.01 -8.88 -25.36
CA GLN A 71 -1.31 -9.29 -24.87
C GLN A 71 -1.34 -9.33 -23.34
N GLY A 72 -2.19 -8.50 -22.75
CA GLY A 72 -2.30 -8.48 -21.31
C GLY A 72 -3.36 -9.45 -20.85
N VAL A 73 -3.28 -9.87 -19.59
CA VAL A 73 -4.25 -10.80 -19.05
C VAL A 73 -5.47 -10.08 -18.46
N GLY A 74 -6.55 -10.04 -19.24
CA GLY A 74 -7.77 -9.41 -18.78
C GLY A 74 -8.77 -10.51 -18.46
N GLY A 75 -10.00 -10.38 -18.96
CA GLY A 75 -11.03 -11.38 -18.73
C GLY A 75 -11.33 -11.61 -17.27
N ALA A 76 -11.25 -12.87 -16.84
CA ALA A 76 -11.52 -13.25 -15.45
C ALA A 76 -10.47 -12.75 -14.45
N TYR A 77 -9.32 -12.25 -14.93
CA TYR A 77 -8.29 -11.74 -14.02
C TYR A 77 -8.62 -10.32 -13.59
N ARG A 78 -9.21 -10.21 -12.40
CA ARG A 78 -9.62 -8.94 -11.80
C ARG A 78 -8.50 -8.21 -11.06
N ALA A 79 -7.47 -8.94 -10.64
CA ALA A 79 -6.34 -8.35 -9.91
C ALA A 79 -6.80 -7.78 -8.58
N THR A 80 -7.62 -8.56 -7.87
CA THR A 80 -8.18 -8.21 -6.57
C THR A 80 -7.10 -8.31 -5.49
N LEU A 81 -7.17 -7.44 -4.49
CA LEU A 81 -6.22 -7.43 -3.38
C LEU A 81 -6.36 -8.70 -2.52
N GLY A 82 -7.60 -9.08 -2.24
CA GLY A 82 -7.87 -10.25 -1.43
C GLY A 82 -7.41 -11.59 -1.99
N ASP A 83 -7.27 -11.68 -3.31
CA ASP A 83 -6.84 -12.93 -3.94
C ASP A 83 -5.39 -13.28 -3.66
N ASN A 84 -4.62 -12.31 -3.18
CA ASN A 84 -3.22 -12.54 -2.83
C ASN A 84 -3.11 -13.55 -1.67
N ALA A 85 -4.18 -13.68 -0.88
CA ALA A 85 -4.16 -14.59 0.25
C ALA A 85 -4.58 -16.01 -0.11
N LEU A 86 -4.97 -16.24 -1.35
CA LEU A 86 -5.36 -17.58 -1.79
C LEU A 86 -4.11 -18.45 -1.90
N PRO A 87 -4.25 -19.77 -1.74
CA PRO A 87 -3.16 -20.73 -1.81
C PRO A 87 -2.05 -20.45 -2.84
N ARG A 88 -2.45 -20.23 -4.08
CA ARG A 88 -1.46 -20.00 -5.14
C ARG A 88 -1.09 -18.52 -5.37
N GLY A 89 -1.60 -17.65 -4.51
CA GLY A 89 -1.28 -16.24 -4.63
C GLY A 89 -2.18 -15.48 -5.57
N THR A 90 -3.19 -16.17 -6.11
CA THR A 90 -4.15 -15.60 -7.04
C THR A 90 -5.33 -16.58 -7.17
N SER A 91 -6.35 -16.21 -7.95
CA SER A 91 -7.54 -17.05 -8.13
C SER A 91 -7.46 -18.11 -9.24
N SER A 92 -8.30 -19.13 -9.11
CA SER A 92 -8.35 -20.20 -10.10
C SER A 92 -8.84 -19.66 -11.43
N ALA A 93 -9.86 -18.79 -11.38
CA ALA A 93 -10.42 -18.21 -12.59
C ALA A 93 -9.36 -17.40 -13.34
N ALA A 94 -8.48 -16.73 -12.59
CA ALA A 94 -7.41 -15.94 -13.18
C ALA A 94 -6.43 -16.87 -13.89
N ILE A 95 -6.12 -17.99 -13.24
CA ILE A 95 -5.19 -18.99 -13.79
C ILE A 95 -5.74 -19.58 -15.08
N ARG A 96 -7.01 -19.99 -15.07
CA ARG A 96 -7.65 -20.54 -16.27
C ARG A 96 -7.61 -19.53 -17.42
N GLU A 97 -7.75 -18.25 -17.09
CA GLU A 97 -7.73 -17.17 -18.06
C GLU A 97 -6.38 -17.11 -18.78
N MET A 98 -5.29 -17.06 -18.00
CA MET A 98 -3.96 -17.01 -18.59
C MET A 98 -3.60 -18.34 -19.30
N LEU A 99 -4.13 -19.46 -18.80
CA LEU A 99 -3.89 -20.76 -19.45
C LEU A 99 -4.52 -20.68 -20.85
N GLY A 100 -5.75 -20.18 -20.89
CA GLY A 100 -6.47 -20.03 -22.15
C GLY A 100 -5.73 -19.17 -23.16
N LEU A 101 -5.11 -18.09 -22.69
CA LEU A 101 -4.35 -17.20 -23.56
C LEU A 101 -3.14 -17.91 -24.19
N PHE A 102 -2.46 -18.75 -23.40
CA PHE A 102 -1.31 -19.51 -23.92
C PHE A 102 -1.78 -20.54 -24.96
N GLN A 103 -2.89 -21.21 -24.65
CA GLN A 103 -3.46 -22.21 -25.55
C GLN A 103 -4.02 -21.58 -26.82
N GLN A 104 -4.57 -20.38 -26.69
CA GLN A 104 -5.08 -19.67 -27.85
C GLN A 104 -3.92 -19.24 -28.75
N ALA A 105 -2.80 -18.86 -28.15
CA ALA A 105 -1.63 -18.46 -28.92
C ALA A 105 -1.08 -19.66 -29.70
N ASN A 106 -1.08 -20.82 -29.06
CA ASN A 106 -0.57 -22.06 -29.65
C ASN A 106 -1.41 -22.48 -30.88
N THR A 107 -2.72 -22.37 -30.75
CA THR A 107 -3.66 -22.72 -31.81
C THR A 107 -3.66 -21.71 -32.95
N LYS A 108 -3.81 -20.43 -32.64
CA LYS A 108 -3.83 -19.40 -33.66
C LYS A 108 -2.50 -19.23 -34.41
N CYS A 109 -1.38 -19.36 -33.71
CA CYS A 109 -0.05 -19.19 -34.31
C CYS A 109 0.90 -20.26 -33.83
N PRO A 110 0.83 -21.48 -34.38
CA PRO A 110 1.69 -22.60 -33.98
C PRO A 110 3.21 -22.43 -34.11
N ASP A 111 3.68 -21.54 -34.98
CA ASP A 111 5.12 -21.35 -35.15
C ASP A 111 5.72 -20.19 -34.34
N ALA A 112 4.87 -19.44 -33.65
CA ALA A 112 5.31 -18.30 -32.86
C ALA A 112 6.00 -18.72 -31.57
N THR A 113 6.95 -17.89 -31.12
CA THR A 113 7.70 -18.09 -29.88
C THR A 113 6.96 -17.29 -28.80
N LEU A 114 6.83 -17.86 -27.61
CA LEU A 114 6.16 -17.19 -26.50
C LEU A 114 7.15 -16.69 -25.43
N ILE A 115 6.79 -15.59 -24.79
CA ILE A 115 7.54 -14.97 -23.69
C ILE A 115 6.44 -14.44 -22.76
N ALA A 116 6.71 -14.39 -21.46
CA ALA A 116 5.69 -13.95 -20.50
C ALA A 116 6.28 -13.12 -19.36
N GLY A 117 5.40 -12.61 -18.49
CA GLY A 117 5.87 -11.81 -17.37
C GLY A 117 4.75 -11.44 -16.42
N GLY A 118 5.11 -10.94 -15.25
CA GLY A 118 4.12 -10.55 -14.27
C GLY A 118 4.73 -9.69 -13.17
N TYR A 119 3.88 -8.92 -12.49
CA TYR A 119 4.32 -8.05 -11.40
C TYR A 119 3.40 -8.26 -10.23
N SER A 120 4.01 -8.52 -9.08
CA SER A 120 3.28 -8.76 -7.83
C SER A 120 2.34 -9.96 -7.99
N GLN A 121 1.04 -9.75 -7.81
CA GLN A 121 0.07 -10.83 -7.97
C GLN A 121 0.15 -11.46 -9.37
N GLY A 122 0.49 -10.64 -10.37
CA GLY A 122 0.60 -11.13 -11.73
C GLY A 122 1.78 -12.06 -11.88
N ALA A 123 2.77 -11.91 -11.00
CA ALA A 123 3.96 -12.76 -11.01
C ALA A 123 3.57 -14.13 -10.47
N ALA A 124 2.72 -14.12 -9.45
CA ALA A 124 2.22 -15.37 -8.88
C ALA A 124 1.33 -16.09 -9.93
N LEU A 125 0.49 -15.33 -10.63
CA LEU A 125 -0.41 -15.88 -11.65
C LEU A 125 0.38 -16.46 -12.82
N ALA A 126 1.42 -15.76 -13.26
CA ALA A 126 2.27 -16.23 -14.36
C ALA A 126 2.95 -17.56 -13.95
N ALA A 127 3.39 -17.62 -12.70
CA ALA A 127 4.05 -18.83 -12.19
C ALA A 127 3.09 -20.01 -12.14
N ALA A 128 1.88 -19.78 -11.62
CA ALA A 128 0.88 -20.84 -11.51
C ALA A 128 0.41 -21.34 -12.88
N SER A 129 0.17 -20.41 -13.80
CA SER A 129 -0.27 -20.75 -15.15
C SER A 129 0.80 -21.53 -15.90
N ILE A 130 2.03 -21.05 -15.83
CA ILE A 130 3.13 -21.73 -16.51
C ILE A 130 3.33 -23.14 -15.94
N GLU A 131 3.11 -23.29 -14.64
CA GLU A 131 3.23 -24.60 -13.99
C GLU A 131 2.19 -25.59 -14.52
N ASP A 132 0.92 -25.15 -14.62
CA ASP A 132 -0.17 -26.00 -15.11
C ASP A 132 -0.19 -26.21 -16.64
N LEU A 133 0.50 -25.34 -17.37
CA LEU A 133 0.56 -25.42 -18.82
C LEU A 133 1.04 -26.78 -19.32
N ASP A 134 0.50 -27.21 -20.45
CA ASP A 134 0.89 -28.47 -21.04
C ASP A 134 2.34 -28.27 -21.46
N SER A 135 3.23 -29.18 -21.07
CA SER A 135 4.65 -29.05 -21.39
C SER A 135 4.96 -28.75 -22.84
N ALA A 136 4.19 -29.33 -23.75
CA ALA A 136 4.41 -29.09 -25.19
C ALA A 136 4.29 -27.60 -25.51
N ILE A 137 3.36 -26.93 -24.86
CA ILE A 137 3.17 -25.50 -25.07
C ILE A 137 4.17 -24.73 -24.19
N ARG A 138 4.41 -25.22 -22.98
CA ARG A 138 5.37 -24.57 -22.08
C ARG A 138 6.77 -24.51 -22.70
N ASP A 139 7.14 -25.52 -23.48
CA ASP A 139 8.44 -25.56 -24.15
C ASP A 139 8.60 -24.35 -25.07
N LYS A 140 7.48 -23.81 -25.51
CA LYS A 140 7.48 -22.68 -26.41
C LYS A 140 7.75 -21.33 -25.74
N ILE A 141 7.66 -21.26 -24.41
CA ILE A 141 7.91 -20.01 -23.68
C ILE A 141 9.41 -19.82 -23.46
N ALA A 142 10.03 -19.01 -24.31
CA ALA A 142 11.46 -18.75 -24.26
C ALA A 142 12.01 -18.08 -22.99
N GLY A 143 11.20 -17.28 -22.31
CA GLY A 143 11.67 -16.62 -21.11
C GLY A 143 10.51 -15.96 -20.39
N THR A 144 10.65 -15.80 -19.08
CA THR A 144 9.62 -15.19 -18.25
C THR A 144 10.29 -14.26 -17.25
N VAL A 145 9.75 -13.05 -17.07
CA VAL A 145 10.29 -12.10 -16.10
C VAL A 145 9.26 -11.86 -15.01
N LEU A 146 9.70 -11.81 -13.76
CA LEU A 146 8.80 -11.60 -12.63
C LEU A 146 9.33 -10.46 -11.75
N PHE A 147 8.46 -9.52 -11.39
CA PHE A 147 8.85 -8.38 -10.57
C PHE A 147 8.09 -8.47 -9.26
N GLY A 148 8.77 -8.23 -8.14
CA GLY A 148 8.09 -8.30 -6.85
C GLY A 148 7.29 -9.58 -6.74
N TYR A 149 7.96 -10.68 -7.03
CA TYR A 149 7.40 -12.03 -7.00
C TYR A 149 6.94 -12.41 -5.60
N THR A 150 5.62 -12.37 -5.38
CA THR A 150 5.03 -12.69 -4.09
C THR A 150 5.27 -14.11 -3.55
N LYS A 151 5.69 -15.02 -4.42
CA LYS A 151 5.97 -16.39 -4.01
C LYS A 151 7.47 -16.68 -4.17
N ASN A 152 8.29 -15.63 -4.07
CA ASN A 152 9.73 -15.78 -4.22
C ASN A 152 10.35 -16.67 -3.14
N LEU A 153 10.07 -16.35 -1.89
CA LEU A 153 10.60 -17.14 -0.79
C LEU A 153 10.06 -18.57 -0.90
N GLN A 154 8.74 -18.70 -0.88
CA GLN A 154 8.06 -19.99 -0.93
C GLN A 154 8.47 -20.91 -2.08
N ASN A 155 8.68 -20.33 -3.26
CA ASN A 155 9.05 -21.09 -4.44
C ASN A 155 10.56 -21.08 -4.68
N ARG A 156 11.33 -20.55 -3.72
CA ARG A 156 12.80 -20.51 -3.84
C ARG A 156 13.22 -19.79 -5.12
N GLY A 157 12.47 -18.75 -5.51
CA GLY A 157 12.79 -18.01 -6.72
C GLY A 157 12.61 -18.72 -8.06
N ARG A 158 11.82 -19.79 -8.09
CA ARG A 158 11.61 -20.54 -9.33
C ARG A 158 10.13 -20.57 -9.73
N ILE A 159 9.87 -21.02 -10.95
CA ILE A 159 8.52 -21.22 -11.46
C ILE A 159 8.54 -22.76 -11.57
N PRO A 160 7.68 -23.46 -10.84
CA PRO A 160 7.65 -24.93 -10.90
C PRO A 160 7.56 -25.48 -12.31
N ASN A 161 8.32 -26.55 -12.57
CA ASN A 161 8.36 -27.24 -13.87
C ASN A 161 8.95 -26.41 -15.00
N TYR A 162 9.51 -25.24 -14.69
CA TYR A 162 10.06 -24.36 -15.70
C TYR A 162 11.55 -24.12 -15.46
N PRO A 163 12.38 -24.22 -16.50
CA PRO A 163 13.84 -24.03 -16.41
C PRO A 163 14.28 -22.70 -15.76
N ALA A 164 15.26 -22.79 -14.86
CA ALA A 164 15.81 -21.61 -14.17
C ALA A 164 16.43 -20.62 -15.14
N ASP A 165 17.10 -21.11 -16.17
CA ASP A 165 17.73 -20.23 -17.15
C ASP A 165 16.75 -19.41 -17.98
N ARG A 166 15.47 -19.78 -17.96
CA ARG A 166 14.43 -19.06 -18.70
C ARG A 166 13.67 -18.11 -17.77
N THR A 167 14.01 -18.13 -16.48
CA THR A 167 13.37 -17.29 -15.48
C THR A 167 14.30 -16.18 -14.98
N LYS A 168 13.74 -14.98 -14.79
CA LYS A 168 14.50 -13.84 -14.26
C LYS A 168 13.60 -13.15 -13.23
N VAL A 169 14.02 -13.12 -11.97
CA VAL A 169 13.21 -12.50 -10.94
C VAL A 169 13.86 -11.17 -10.55
N PHE A 170 13.03 -10.14 -10.39
CA PHE A 170 13.49 -8.82 -9.98
C PHE A 170 12.87 -8.60 -8.63
N CYS A 171 13.68 -8.66 -7.60
CA CYS A 171 13.25 -8.48 -6.22
C CYS A 171 14.19 -7.51 -5.51
N ASN A 172 13.69 -6.30 -5.22
CA ASN A 172 14.49 -5.27 -4.56
C ASN A 172 14.72 -5.57 -3.08
N THR A 173 15.89 -5.16 -2.58
CA THR A 173 16.22 -5.32 -1.16
C THR A 173 15.18 -4.48 -0.43
N GLY A 174 14.55 -5.02 0.60
CA GLY A 174 13.53 -4.26 1.31
C GLY A 174 12.12 -4.47 0.76
N ASP A 175 11.98 -5.18 -0.36
CA ASP A 175 10.65 -5.45 -0.89
C ASP A 175 10.18 -6.66 -0.12
N LEU A 176 9.37 -6.41 0.90
CA LEU A 176 8.85 -7.46 1.79
C LEU A 176 8.09 -8.64 1.15
N VAL A 177 7.47 -8.44 -0.01
CA VAL A 177 6.75 -9.54 -0.65
C VAL A 177 7.68 -10.62 -1.20
N CYS A 178 8.94 -10.25 -1.45
CA CYS A 178 9.93 -11.19 -1.95
C CYS A 178 10.52 -12.00 -0.81
N THR A 179 10.30 -11.51 0.39
CA THR A 179 10.85 -12.12 1.58
C THR A 179 9.80 -12.88 2.41
N GLY A 180 8.66 -13.19 1.79
CA GLY A 180 7.60 -13.94 2.47
C GLY A 180 6.47 -13.19 3.15
N SER A 181 6.39 -11.87 2.93
CA SER A 181 5.33 -11.08 3.56
C SER A 181 4.43 -10.44 2.50
N LEU A 182 3.29 -9.91 2.92
CA LEU A 182 2.37 -9.25 1.99
C LEU A 182 2.21 -7.77 2.33
N ILE A 183 3.31 -7.15 2.78
CA ILE A 183 3.33 -5.74 3.14
C ILE A 183 4.03 -4.99 2.02
N VAL A 184 3.39 -3.93 1.54
CA VAL A 184 3.95 -3.14 0.46
C VAL A 184 4.78 -2.00 1.06
N ALA A 185 6.07 -2.00 0.73
CA ALA A 185 6.98 -0.95 1.22
C ALA A 185 7.49 -0.23 -0.03
N ALA A 186 8.19 0.87 0.17
CA ALA A 186 8.67 1.66 -0.95
C ALA A 186 9.42 0.91 -2.07
N PRO A 187 10.32 -0.03 -1.72
CA PRO A 187 11.06 -0.79 -2.73
C PRO A 187 10.17 -1.60 -3.70
N HIS A 188 8.98 -1.95 -3.24
CA HIS A 188 8.05 -2.70 -4.07
C HIS A 188 7.54 -1.85 -5.25
N LEU A 189 7.68 -0.55 -5.15
CA LEU A 189 7.19 0.33 -6.20
C LEU A 189 8.30 0.93 -7.02
N ALA A 190 9.49 0.36 -6.90
CA ALA A 190 10.65 0.87 -7.61
C ALA A 190 11.13 -0.01 -8.76
N TYR A 191 10.23 -0.74 -9.40
CA TYR A 191 10.63 -1.61 -10.50
C TYR A 191 10.65 -0.98 -11.89
N GLY A 192 10.28 0.30 -11.97
CA GLY A 192 10.26 0.99 -13.26
C GLY A 192 11.53 0.87 -14.08
N PRO A 193 12.69 1.17 -13.50
CA PRO A 193 13.96 1.09 -14.23
C PRO A 193 14.21 -0.31 -14.80
N ASP A 194 13.85 -1.34 -14.05
CA ASP A 194 14.04 -2.73 -14.49
C ASP A 194 13.18 -3.06 -15.70
N ALA A 195 11.93 -2.62 -15.67
CA ALA A 195 10.99 -2.87 -16.76
C ALA A 195 11.40 -2.16 -18.05
N ARG A 196 12.20 -1.10 -17.92
CA ARG A 196 12.67 -0.32 -19.06
C ARG A 196 14.01 -0.74 -19.64
N GLY A 197 14.79 -1.48 -18.88
CA GLY A 197 16.09 -1.90 -19.37
C GLY A 197 16.35 -3.39 -19.33
N PRO A 198 16.90 -3.92 -18.22
CA PRO A 198 17.23 -5.35 -18.00
C PRO A 198 16.15 -6.42 -18.27
N ALA A 199 14.89 -6.17 -17.91
CA ALA A 199 13.84 -7.16 -18.16
C ALA A 199 13.63 -7.37 -19.67
N PRO A 200 13.36 -6.30 -20.44
CA PRO A 200 13.18 -6.57 -21.87
C PRO A 200 14.45 -7.10 -22.55
N GLU A 201 15.62 -6.71 -22.06
CA GLU A 201 16.87 -7.21 -22.62
C GLU A 201 16.93 -8.72 -22.45
N PHE A 202 16.57 -9.20 -21.26
CA PHE A 202 16.56 -10.63 -20.96
C PHE A 202 15.65 -11.36 -21.94
N LEU A 203 14.41 -10.87 -22.06
CA LEU A 203 13.39 -11.44 -22.96
C LEU A 203 13.87 -11.49 -24.41
N ILE A 204 14.45 -10.38 -24.87
CA ILE A 204 14.94 -10.31 -26.23
C ILE A 204 16.07 -11.30 -26.48
N GLU A 205 16.93 -11.47 -25.48
CA GLU A 205 18.05 -12.39 -25.57
C GLU A 205 17.57 -13.83 -25.65
N LYS A 206 16.59 -14.18 -24.82
CA LYS A 206 16.05 -15.53 -24.80
C LYS A 206 15.38 -15.92 -26.12
N VAL A 207 14.63 -15.00 -26.71
CA VAL A 207 13.95 -15.26 -27.98
C VAL A 207 14.96 -15.48 -29.11
N ARG A 208 16.00 -14.66 -29.15
CA ARG A 208 17.03 -14.80 -30.17
C ARG A 208 17.84 -16.08 -30.03
N ALA A 209 17.93 -16.59 -28.81
CA ALA A 209 18.66 -17.83 -28.54
C ALA A 209 17.86 -19.03 -29.01
N VAL A 210 16.58 -19.07 -28.65
CA VAL A 210 15.72 -20.19 -29.04
C VAL A 210 15.52 -20.27 -30.55
N ARG A 211 15.40 -19.13 -31.20
CA ARG A 211 15.23 -19.11 -32.64
C ARG A 211 16.60 -19.28 -33.28
N GLY A 212 17.06 -20.53 -33.35
CA GLY A 212 18.35 -20.82 -33.94
C GLY A 212 18.89 -22.19 -33.55
N ARG B 17 4.20 23.83 8.94
CA ARG B 17 3.86 22.95 7.78
C ARG B 17 3.62 21.54 8.31
N THR B 18 4.48 20.59 7.98
CA THR B 18 4.33 19.20 8.43
C THR B 18 4.96 18.92 9.79
N THR B 19 5.53 19.95 10.40
CA THR B 19 6.13 19.84 11.73
C THR B 19 5.66 21.02 12.58
N ARG B 20 5.19 20.71 13.79
CA ARG B 20 4.71 21.71 14.72
C ARG B 20 5.11 21.29 16.13
N ASP B 21 5.84 22.16 16.82
CA ASP B 21 6.30 21.89 18.18
C ASP B 21 5.87 23.00 19.15
N ASP B 22 4.61 23.43 19.03
CA ASP B 22 4.09 24.49 19.89
C ASP B 22 4.18 24.18 21.38
N LEU B 23 3.79 22.97 21.77
CA LEU B 23 3.84 22.55 23.19
C LEU B 23 5.26 22.50 23.74
N ILE B 24 6.18 21.92 22.98
CA ILE B 24 7.58 21.81 23.40
C ILE B 24 8.26 23.19 23.48
N ASN B 25 8.12 23.98 22.41
CA ASN B 25 8.71 25.31 22.33
C ASN B 25 7.98 26.36 23.17
N GLY B 26 6.82 26.00 23.69
CA GLY B 26 6.05 26.94 24.50
C GLY B 26 6.57 27.07 25.91
N ASN B 27 6.03 28.04 26.63
CA ASN B 27 6.42 28.30 28.03
C ASN B 27 5.13 28.51 28.81
N SER B 28 5.13 28.10 30.07
CA SER B 28 3.95 28.24 30.92
C SER B 28 3.42 29.67 30.97
N ALA B 29 4.28 30.64 30.70
CA ALA B 29 3.91 32.06 30.70
C ALA B 29 2.84 32.39 29.66
N SER B 30 3.07 31.98 28.42
CA SER B 30 2.13 32.25 27.34
C SER B 30 1.38 30.98 26.89
N CYS B 31 0.74 30.31 27.85
CA CYS B 31 -0.02 29.10 27.56
C CYS B 31 -1.21 29.36 26.64
N ALA B 32 -1.60 28.33 25.89
CA ALA B 32 -2.74 28.42 24.99
C ALA B 32 -3.93 27.80 25.71
N ASP B 33 -5.11 27.98 25.14
CA ASP B 33 -6.33 27.45 25.74
C ASP B 33 -6.62 26.02 25.29
N VAL B 34 -6.15 25.67 24.09
CA VAL B 34 -6.36 24.34 23.55
C VAL B 34 -5.04 23.80 23.04
N ILE B 35 -4.77 22.53 23.33
CA ILE B 35 -3.55 21.85 22.88
C ILE B 35 -3.90 20.57 22.13
N PHE B 36 -3.52 20.53 20.86
CA PHE B 36 -3.78 19.40 19.97
C PHE B 36 -2.53 18.54 19.81
N ILE B 37 -2.65 17.26 20.14
CA ILE B 37 -1.55 16.30 20.01
C ILE B 37 -1.95 15.24 18.97
N TYR B 38 -1.18 15.17 17.89
CA TYR B 38 -1.46 14.28 16.77
C TYR B 38 -0.30 13.36 16.39
N ALA B 39 -0.64 12.12 16.03
CA ALA B 39 0.34 11.11 15.63
C ALA B 39 0.14 10.77 14.14
N ARG B 40 1.19 10.92 13.34
CA ARG B 40 1.10 10.63 11.90
C ARG B 40 1.07 9.13 11.58
N GLY B 41 0.95 8.79 10.30
CA GLY B 41 0.89 7.40 9.90
C GLY B 41 2.26 6.89 9.51
N SER B 42 2.35 5.58 9.28
CA SER B 42 3.61 4.96 8.89
C SER B 42 4.27 5.69 7.72
N THR B 43 5.58 5.88 7.82
CA THR B 43 6.40 6.53 6.79
C THR B 43 6.06 7.98 6.41
N GLU B 44 5.18 8.64 7.15
CA GLU B 44 4.85 10.04 6.83
C GLU B 44 5.97 10.97 7.31
N THR B 45 6.04 12.15 6.71
CA THR B 45 7.08 13.13 7.03
C THR B 45 6.70 14.10 8.14
N GLY B 46 7.71 14.80 8.67
CA GLY B 46 7.50 15.74 9.75
C GLY B 46 6.92 14.96 10.90
N ASN B 47 6.08 15.60 11.71
CA ASN B 47 5.45 14.90 12.80
C ASN B 47 3.92 15.07 12.67
N LEU B 48 3.48 15.61 11.55
CA LEU B 48 2.05 15.81 11.30
C LEU B 48 1.54 15.02 10.08
N GLY B 49 2.45 14.68 9.16
CA GLY B 49 2.07 13.93 7.97
C GLY B 49 1.17 14.67 7.00
N THR B 50 0.31 13.94 6.30
CA THR B 50 -0.60 14.52 5.32
C THR B 50 -1.93 15.04 5.87
N LEU B 51 -2.46 14.39 6.89
CA LEU B 51 -3.75 14.82 7.46
C LEU B 51 -3.61 15.83 8.60
N GLY B 52 -2.46 15.82 9.27
CA GLY B 52 -2.22 16.73 10.38
C GLY B 52 -2.33 18.20 10.07
N PRO B 53 -1.64 18.69 9.03
CA PRO B 53 -1.68 20.12 8.67
C PRO B 53 -3.10 20.65 8.41
N SER B 54 -3.94 19.86 7.75
CA SER B 54 -5.30 20.26 7.45
C SER B 54 -6.14 20.46 8.70
N ILE B 55 -5.96 19.58 9.69
CA ILE B 55 -6.70 19.70 10.94
C ILE B 55 -6.20 20.91 11.73
N ALA B 56 -4.90 21.17 11.67
CA ALA B 56 -4.29 22.30 12.36
C ALA B 56 -4.93 23.61 11.87
N SER B 57 -4.93 23.81 10.55
CA SER B 57 -5.51 25.01 9.93
C SER B 57 -6.93 25.37 10.40
N ASN B 58 -7.81 24.38 10.43
CA ASN B 58 -9.19 24.61 10.87
C ASN B 58 -9.25 24.95 12.35
N LEU B 59 -8.36 24.36 13.14
CA LEU B 59 -8.33 24.64 14.57
C LEU B 59 -7.89 26.08 14.80
N GLU B 60 -6.88 26.52 14.04
CA GLU B 60 -6.38 27.90 14.15
C GLU B 60 -7.46 28.90 13.72
N SER B 61 -8.24 28.56 12.70
CA SER B 61 -9.28 29.46 12.23
C SER B 61 -10.35 29.66 13.29
N ALA B 62 -10.59 28.63 14.10
CA ALA B 62 -11.61 28.71 15.15
C ALA B 62 -11.10 29.24 16.50
N PHE B 63 -9.85 28.96 16.83
CA PHE B 63 -9.28 29.39 18.10
C PHE B 63 -8.20 30.46 17.99
N GLY B 64 -7.71 30.69 16.77
CA GLY B 64 -6.67 31.67 16.56
C GLY B 64 -5.31 31.12 16.95
N LYS B 65 -4.26 31.57 16.26
CA LYS B 65 -2.88 31.15 16.52
C LYS B 65 -2.50 31.23 18.00
N ASP B 66 -3.18 32.11 18.74
CA ASP B 66 -2.88 32.28 20.16
C ASP B 66 -3.77 31.43 21.04
N GLY B 67 -4.88 30.95 20.47
CA GLY B 67 -5.80 30.12 21.22
C GLY B 67 -5.50 28.63 21.22
N VAL B 68 -4.74 28.16 20.23
CA VAL B 68 -4.42 26.73 20.13
C VAL B 68 -2.95 26.41 19.83
N TRP B 69 -2.45 25.37 20.48
CA TRP B 69 -1.08 24.89 20.29
C TRP B 69 -1.18 23.56 19.54
N ILE B 70 -0.43 23.44 18.45
CA ILE B 70 -0.42 22.23 17.65
C ILE B 70 0.90 21.50 17.90
N GLN B 71 0.81 20.27 18.39
CA GLN B 71 1.99 19.47 18.70
C GLN B 71 1.91 18.07 18.07
N GLY B 72 2.89 17.77 17.21
CA GLY B 72 2.93 16.47 16.58
C GLY B 72 3.80 15.54 17.41
N VAL B 73 3.55 14.24 17.35
CA VAL B 73 4.36 13.30 18.11
C VAL B 73 5.57 12.88 17.28
N GLY B 74 6.73 13.40 17.66
CA GLY B 74 7.97 13.08 16.97
C GLY B 74 8.83 12.34 17.97
N GLY B 75 10.09 12.76 18.07
CA GLY B 75 11.01 12.11 19.00
C GLY B 75 11.21 10.63 18.77
N ALA B 76 10.84 9.83 19.76
CA ALA B 76 10.98 8.38 19.69
C ALA B 76 10.03 7.69 18.71
N TYR B 77 8.95 8.38 18.33
CA TYR B 77 8.00 7.81 17.39
C TYR B 77 8.51 7.94 15.96
N ARG B 78 9.12 6.87 15.46
CA ARG B 78 9.66 6.86 14.12
C ARG B 78 8.73 6.44 13.00
N ALA B 79 7.49 6.07 13.35
CA ALA B 79 6.48 5.66 12.37
C ALA B 79 6.98 4.59 11.37
N THR B 80 7.60 3.55 11.92
CA THR B 80 8.14 2.47 11.12
C THR B 80 7.05 1.53 10.64
N LEU B 81 7.20 1.02 9.42
CA LEU B 81 6.23 0.13 8.82
C LEU B 81 6.15 -1.18 9.61
N GLY B 82 7.30 -1.67 10.06
CA GLY B 82 7.34 -2.91 10.82
C GLY B 82 6.69 -2.90 12.20
N ASP B 83 6.62 -1.74 12.86
CA ASP B 83 6.00 -1.66 14.19
C ASP B 83 4.50 -1.91 14.21
N ASN B 84 3.88 -1.92 13.04
CA ASN B 84 2.44 -2.17 12.94
C ASN B 84 2.14 -3.60 13.39
N ALA B 85 3.14 -4.48 13.27
CA ALA B 85 2.99 -5.89 13.65
C ALA B 85 3.10 -6.15 15.15
N LEU B 86 3.68 -5.21 15.89
CA LEU B 86 3.85 -5.34 17.34
C LEU B 86 2.52 -5.39 18.09
N PRO B 87 2.50 -5.99 19.29
CA PRO B 87 1.35 -6.16 20.19
C PRO B 87 0.29 -5.09 20.37
N ARG B 88 0.56 -3.83 20.06
CA ARG B 88 -0.51 -2.83 20.18
C ARG B 88 -0.60 -1.96 18.94
N GLY B 89 0.10 -2.38 17.88
CA GLY B 89 0.08 -1.63 16.65
C GLY B 89 1.17 -0.60 16.54
N THR B 90 2.03 -0.51 17.56
CA THR B 90 3.12 0.45 17.57
C THR B 90 4.13 0.03 18.65
N SER B 91 5.25 0.75 18.73
CA SER B 91 6.29 0.43 19.70
C SER B 91 6.02 1.03 21.09
N SER B 92 6.72 0.52 22.10
CA SER B 92 6.55 1.05 23.47
C SER B 92 7.30 2.38 23.63
N ALA B 93 8.37 2.57 22.88
CA ALA B 93 9.14 3.82 22.94
C ALA B 93 8.22 4.96 22.48
N ALA B 94 7.50 4.74 21.40
CA ALA B 94 6.57 5.72 20.83
C ALA B 94 5.44 6.06 21.80
N ILE B 95 4.93 5.05 22.50
CA ILE B 95 3.86 5.25 23.48
C ILE B 95 4.38 6.11 24.64
N ARG B 96 5.63 5.85 25.05
CA ARG B 96 6.26 6.62 26.13
C ARG B 96 6.37 8.08 25.69
N GLU B 97 6.68 8.27 24.41
CA GLU B 97 6.81 9.61 23.84
C GLU B 97 5.47 10.36 23.90
N MET B 98 4.40 9.74 23.41
CA MET B 98 3.11 10.41 23.43
C MET B 98 2.61 10.66 24.85
N LEU B 99 2.85 9.71 25.75
CA LEU B 99 2.46 9.86 27.14
C LEU B 99 3.16 11.08 27.74
N GLY B 100 4.44 11.22 27.44
CA GLY B 100 5.21 12.35 27.93
C GLY B 100 4.68 13.68 27.44
N LEU B 101 4.26 13.74 26.18
CA LEU B 101 3.72 14.97 25.61
C LEU B 101 2.44 15.35 26.34
N PHE B 102 1.62 14.36 26.70
CA PHE B 102 0.39 14.63 27.43
C PHE B 102 0.72 15.20 28.82
N GLN B 103 1.68 14.58 29.50
CA GLN B 103 2.09 15.01 30.84
C GLN B 103 2.72 16.40 30.82
N GLN B 104 3.52 16.66 29.80
CA GLN B 104 4.18 17.96 29.64
C GLN B 104 3.12 19.05 29.46
N ALA B 105 2.08 18.74 28.68
CA ALA B 105 0.99 19.67 28.42
C ALA B 105 0.25 19.95 29.71
N ASN B 106 0.17 18.94 30.57
CA ASN B 106 -0.51 19.05 31.84
C ASN B 106 0.30 19.89 32.82
N THR B 107 1.62 19.70 32.80
CA THR B 107 2.53 20.44 33.68
C THR B 107 2.55 21.92 33.30
N LYS B 108 2.90 22.20 32.04
CA LYS B 108 2.96 23.56 31.52
C LYS B 108 1.64 24.34 31.57
N CYS B 109 0.56 23.75 31.09
CA CYS B 109 -0.73 24.46 31.02
C CYS B 109 -1.91 23.70 31.61
N PRO B 110 -1.98 23.60 32.95
CA PRO B 110 -3.03 22.91 33.69
C PRO B 110 -4.49 23.30 33.42
N ASP B 111 -4.72 24.45 32.78
CA ASP B 111 -6.08 24.89 32.51
C ASP B 111 -6.49 24.77 31.04
N ALA B 112 -5.60 24.24 30.21
CA ALA B 112 -5.87 24.07 28.78
C ALA B 112 -6.61 22.77 28.48
N THR B 113 -7.49 22.82 27.48
CA THR B 113 -8.24 21.64 27.07
C THR B 113 -7.40 20.89 26.04
N LEU B 114 -7.28 19.58 26.22
CA LEU B 114 -6.50 18.76 25.30
C LEU B 114 -7.39 18.05 24.32
N ILE B 115 -6.90 17.89 23.09
CA ILE B 115 -7.61 17.17 22.03
C ILE B 115 -6.53 16.33 21.35
N ALA B 116 -6.93 15.24 20.70
CA ALA B 116 -5.95 14.37 20.06
C ALA B 116 -6.45 13.67 18.82
N GLY B 117 -5.53 13.01 18.12
CA GLY B 117 -5.89 12.27 16.92
C GLY B 117 -4.71 11.54 16.33
N GLY B 118 -4.98 10.68 15.35
CA GLY B 118 -3.91 9.93 14.71
C GLY B 118 -4.42 9.23 13.47
N TYR B 119 -3.49 8.85 12.60
CA TYR B 119 -3.85 8.17 11.36
C TYR B 119 -3.03 6.89 11.19
N SER B 120 -3.72 5.79 10.88
CA SER B 120 -3.08 4.49 10.69
C SER B 120 -2.33 4.04 11.97
N GLN B 121 -1.01 3.88 11.90
CA GLN B 121 -0.26 3.48 13.09
C GLN B 121 -0.44 4.57 14.15
N GLY B 122 -0.57 5.81 13.67
CA GLY B 122 -0.78 6.94 14.55
C GLY B 122 -2.05 6.81 15.36
N ALA B 123 -3.09 6.25 14.75
CA ALA B 123 -4.37 6.04 15.42
C ALA B 123 -4.18 4.98 16.52
N ALA B 124 -3.36 3.98 16.23
CA ALA B 124 -3.08 2.93 17.20
C ALA B 124 -2.25 3.50 18.36
N LEU B 125 -1.28 4.34 18.04
CA LEU B 125 -0.44 4.97 19.06
C LEU B 125 -1.30 5.84 20.00
N ALA B 126 -2.17 6.66 19.41
CA ALA B 126 -3.06 7.54 20.16
C ALA B 126 -3.98 6.74 21.08
N ALA B 127 -4.52 5.65 20.58
CA ALA B 127 -5.41 4.79 21.35
C ALA B 127 -4.66 4.15 22.53
N ALA B 128 -3.43 3.70 22.28
CA ALA B 128 -2.62 3.08 23.33
C ALA B 128 -2.21 4.08 24.42
N SER B 129 -1.73 5.26 24.01
CA SER B 129 -1.30 6.30 24.94
C SER B 129 -2.46 6.76 25.81
N ILE B 130 -3.59 7.06 25.17
CA ILE B 130 -4.78 7.49 25.91
C ILE B 130 -5.19 6.43 26.92
N GLU B 131 -5.08 5.16 26.53
CA GLU B 131 -5.42 4.06 27.41
C GLU B 131 -4.53 4.02 28.66
N ASP B 132 -3.23 4.28 28.49
CA ASP B 132 -2.27 4.26 29.60
C ASP B 132 -2.17 5.57 30.39
N LEU B 133 -2.84 6.61 29.90
CA LEU B 133 -2.81 7.90 30.56
C LEU B 133 -3.42 7.84 31.95
N ASP B 134 -2.94 8.74 32.82
CA ASP B 134 -3.47 8.85 34.17
C ASP B 134 -4.88 9.42 33.98
N SER B 135 -5.89 8.74 34.53
CA SER B 135 -7.28 9.17 34.39
C SER B 135 -7.55 10.66 34.57
N ALA B 136 -6.86 11.29 35.51
CA ALA B 136 -7.02 12.73 35.76
C ALA B 136 -6.65 13.54 34.52
N ILE B 137 -5.59 13.14 33.84
CA ILE B 137 -5.15 13.81 32.62
C ILE B 137 -6.04 13.41 31.44
N ARG B 138 -6.35 12.12 31.33
CA ARG B 138 -7.19 11.62 30.25
C ARG B 138 -8.51 12.38 30.18
N ASP B 139 -9.00 12.81 31.34
CA ASP B 139 -10.27 13.55 31.42
C ASP B 139 -10.25 14.91 30.75
N LYS B 140 -9.07 15.51 30.63
CA LYS B 140 -8.93 16.81 29.99
C LYS B 140 -9.05 16.70 28.48
N ILE B 141 -8.92 15.49 27.95
CA ILE B 141 -9.03 15.25 26.52
C ILE B 141 -10.50 15.28 26.11
N ALA B 142 -10.92 16.40 25.53
CA ALA B 142 -12.30 16.59 25.10
C ALA B 142 -12.71 15.64 23.99
N GLY B 143 -11.87 15.49 22.98
CA GLY B 143 -12.19 14.62 21.86
C GLY B 143 -10.97 14.05 21.17
N THR B 144 -11.15 12.94 20.46
CA THR B 144 -10.08 12.27 19.73
C THR B 144 -10.61 11.77 18.40
N VAL B 145 -9.87 12.02 17.32
CA VAL B 145 -10.25 11.57 15.98
C VAL B 145 -9.24 10.55 15.46
N LEU B 146 -9.75 9.44 14.92
CA LEU B 146 -8.91 8.36 14.39
C LEU B 146 -9.26 8.07 12.93
N PHE B 147 -8.26 8.09 12.06
CA PHE B 147 -8.46 7.82 10.63
C PHE B 147 -7.76 6.49 10.31
N GLY B 148 -8.42 5.61 9.57
CA GLY B 148 -7.82 4.33 9.22
C GLY B 148 -7.36 3.63 10.48
N TYR B 149 -8.25 3.56 11.47
CA TYR B 149 -7.98 2.96 12.76
C TYR B 149 -7.54 1.50 12.63
N THR B 150 -6.23 1.33 12.69
CA THR B 150 -5.59 0.05 12.57
C THR B 150 -6.10 -1.05 13.52
N LYS B 151 -6.69 -0.63 14.64
CA LYS B 151 -7.23 -1.57 15.62
C LYS B 151 -8.75 -1.42 15.72
N ASN B 152 -9.36 -1.00 14.63
CA ASN B 152 -10.80 -0.83 14.63
C ASN B 152 -11.55 -2.14 14.95
N LEU B 153 -11.17 -3.24 14.31
CA LEU B 153 -11.81 -4.53 14.56
C LEU B 153 -11.50 -5.03 15.96
N GLN B 154 -10.23 -5.04 16.30
CA GLN B 154 -9.73 -5.53 17.59
C GLN B 154 -10.24 -4.80 18.83
N ASN B 155 -10.40 -3.48 18.74
CA ASN B 155 -10.88 -2.68 19.86
C ASN B 155 -12.35 -2.30 19.77
N ARG B 156 -13.08 -2.95 18.86
CA ARG B 156 -14.50 -2.70 18.66
C ARG B 156 -14.82 -1.24 18.31
N GLY B 157 -13.96 -0.62 17.51
CA GLY B 157 -14.19 0.75 17.10
C GLY B 157 -14.12 1.78 18.22
N ARG B 158 -13.44 1.44 19.31
CA ARG B 158 -13.30 2.32 20.46
C ARG B 158 -11.84 2.43 20.91
N ILE B 159 -11.61 3.29 21.90
CA ILE B 159 -10.29 3.48 22.50
C ILE B 159 -10.58 3.04 23.94
N PRO B 160 -9.88 2.00 24.43
CA PRO B 160 -10.09 1.51 25.80
C PRO B 160 -9.91 2.60 26.87
N ASN B 161 -10.78 2.57 27.88
CA ASN B 161 -10.76 3.53 29.00
C ASN B 161 -11.21 4.94 28.64
N TYR B 162 -11.54 5.15 27.37
CA TYR B 162 -11.95 6.46 26.89
C TYR B 162 -13.39 6.32 26.38
N PRO B 163 -14.28 7.24 26.77
CA PRO B 163 -15.68 7.22 26.36
C PRO B 163 -15.96 7.31 24.85
N ALA B 164 -16.92 6.50 24.40
CA ALA B 164 -17.32 6.46 22.99
C ALA B 164 -17.84 7.79 22.47
N ASP B 165 -18.52 8.56 23.32
CA ASP B 165 -19.06 9.85 22.91
C ASP B 165 -17.95 10.85 22.56
N ARG B 166 -16.75 10.62 23.10
CA ARG B 166 -15.61 11.50 22.84
C ARG B 166 -14.72 10.96 21.73
N THR B 167 -15.15 9.88 21.09
CA THR B 167 -14.37 9.24 20.03
C THR B 167 -15.04 9.25 18.66
N LYS B 168 -14.30 9.68 17.65
CA LYS B 168 -14.84 9.66 16.30
C LYS B 168 -13.84 8.89 15.44
N VAL B 169 -14.32 7.82 14.82
CA VAL B 169 -13.50 6.99 13.96
C VAL B 169 -13.91 7.11 12.50
N PHE B 170 -12.92 7.32 11.64
CA PHE B 170 -13.14 7.42 10.21
C PHE B 170 -12.53 6.17 9.58
N CYS B 171 -13.40 5.26 9.18
CA CYS B 171 -12.96 4.02 8.56
C CYS B 171 -13.79 3.79 7.30
N ASN B 172 -13.18 4.05 6.14
CA ASN B 172 -13.85 3.89 4.85
C ASN B 172 -14.12 2.43 4.50
N THR B 173 -15.23 2.19 3.81
CA THR B 173 -15.59 0.85 3.37
C THR B 173 -14.50 0.43 2.39
N GLY B 174 -13.98 -0.77 2.56
CA GLY B 174 -12.93 -1.21 1.67
C GLY B 174 -11.54 -0.92 2.22
N ASP B 175 -11.45 -0.24 3.36
CA ASP B 175 -10.16 0.05 4.00
C ASP B 175 -9.91 -1.18 4.88
N LEU B 176 -9.07 -2.08 4.39
CA LEU B 176 -8.78 -3.32 5.08
C LEU B 176 -8.19 -3.25 6.48
N VAL B 177 -7.44 -2.18 6.80
CA VAL B 177 -6.86 -2.09 8.15
C VAL B 177 -7.96 -1.90 9.21
N CYS B 178 -9.11 -1.41 8.78
CA CYS B 178 -10.24 -1.20 9.66
C CYS B 178 -10.99 -2.50 9.96
N THR B 179 -10.59 -3.55 9.27
CA THR B 179 -11.24 -4.83 9.45
C THR B 179 -10.30 -5.99 9.86
N GLY B 180 -9.20 -5.65 10.52
CA GLY B 180 -8.28 -6.66 11.01
C GLY B 180 -7.11 -7.04 10.12
N SER B 181 -7.02 -6.41 8.96
CA SER B 181 -5.93 -6.69 8.03
C SER B 181 -4.87 -5.59 8.09
N LEU B 182 -3.75 -5.82 7.40
CA LEU B 182 -2.66 -4.84 7.33
C LEU B 182 -2.37 -4.49 5.87
N ILE B 183 -3.34 -4.78 5.00
CA ILE B 183 -3.21 -4.47 3.58
C ILE B 183 -3.75 -3.06 3.37
N VAL B 184 -2.95 -2.23 2.70
CA VAL B 184 -3.34 -0.86 2.40
C VAL B 184 -4.02 -0.82 1.04
N ALA B 185 -5.32 -0.53 1.05
CA ALA B 185 -6.11 -0.44 -0.18
C ALA B 185 -6.37 1.05 -0.46
N ALA B 186 -6.93 1.36 -1.64
CA ALA B 186 -7.20 2.75 -2.03
C ALA B 186 -8.07 3.55 -1.05
N PRO B 187 -9.10 2.93 -0.44
CA PRO B 187 -9.92 3.70 0.50
C PRO B 187 -9.15 4.20 1.73
N HIS B 188 -7.98 3.62 1.99
CA HIS B 188 -7.15 4.01 3.13
C HIS B 188 -6.41 5.31 2.87
N LEU B 189 -6.33 5.71 1.60
CA LEU B 189 -5.63 6.92 1.21
C LEU B 189 -6.60 8.07 0.93
N ALA B 190 -7.88 7.87 1.20
CA ALA B 190 -8.91 8.87 0.94
C ALA B 190 -9.50 9.54 2.18
N TYR B 191 -8.66 9.94 3.12
CA TYR B 191 -9.16 10.58 4.35
C TYR B 191 -9.04 12.10 4.34
N GLY B 192 -8.32 12.63 3.35
CA GLY B 192 -8.14 14.07 3.24
C GLY B 192 -9.43 14.86 3.44
N PRO B 193 -10.52 14.52 2.74
CA PRO B 193 -11.78 15.25 2.89
C PRO B 193 -12.27 15.32 4.34
N ASP B 194 -12.21 14.18 5.04
CA ASP B 194 -12.64 14.13 6.44
C ASP B 194 -11.74 14.99 7.31
N ALA B 195 -10.45 14.99 7.01
CA ALA B 195 -9.47 15.78 7.76
C ALA B 195 -9.70 17.28 7.60
N ARG B 196 -10.21 17.67 6.44
CA ARG B 196 -10.49 19.07 6.14
C ARG B 196 -11.84 19.53 6.69
N GLY B 197 -12.77 18.59 6.88
CA GLY B 197 -14.09 18.96 7.36
C GLY B 197 -14.61 18.39 8.66
N PRO B 198 -15.37 17.29 8.61
CA PRO B 198 -15.95 16.64 9.79
C PRO B 198 -15.04 16.36 10.97
N ALA B 199 -13.79 15.98 10.70
CA ALA B 199 -12.85 15.67 11.78
C ALA B 199 -12.60 16.90 12.66
N PRO B 200 -12.05 18.00 12.09
CA PRO B 200 -11.83 19.14 12.98
C PRO B 200 -13.13 19.72 13.55
N GLU B 201 -14.23 19.58 12.81
CA GLU B 201 -15.53 20.07 13.27
C GLU B 201 -15.94 19.36 14.55
N PHE B 202 -15.67 18.06 14.61
CA PHE B 202 -16.00 17.23 15.77
C PHE B 202 -15.17 17.68 16.97
N LEU B 203 -13.90 17.99 16.72
CA LEU B 203 -12.98 18.42 17.77
C LEU B 203 -13.40 19.75 18.37
N ILE B 204 -13.66 20.73 17.51
CA ILE B 204 -14.09 22.06 17.94
C ILE B 204 -15.35 21.98 18.78
N GLU B 205 -16.34 21.27 18.27
CA GLU B 205 -17.63 21.09 18.96
C GLU B 205 -17.40 20.51 20.37
N LYS B 206 -16.52 19.53 20.48
CA LYS B 206 -16.22 18.91 21.76
C LYS B 206 -15.47 19.84 22.72
N VAL B 207 -14.64 20.72 22.16
CA VAL B 207 -13.88 21.67 22.98
C VAL B 207 -14.85 22.69 23.56
N ARG B 208 -15.80 23.14 22.74
CA ARG B 208 -16.80 24.12 23.17
C ARG B 208 -17.66 23.54 24.29
N ALA B 209 -18.09 22.30 24.12
CA ALA B 209 -18.92 21.64 25.12
C ALA B 209 -18.32 21.67 26.51
N VAL B 210 -17.00 21.68 26.61
CA VAL B 210 -16.33 21.69 27.91
C VAL B 210 -15.86 23.06 28.40
N ARG B 211 -15.39 23.91 27.50
CA ARG B 211 -14.91 25.24 27.88
C ARG B 211 -16.00 26.28 28.14
N GLY B 212 -17.12 26.15 27.45
CA GLY B 212 -18.22 27.09 27.62
C GLY B 212 -18.24 28.11 26.50
C1 TC4 C . 0.84 -7.41 -4.08
C2 TC4 C . -0.06 -6.69 -3.08
C3 TC4 C . -0.04 -7.39 -1.74
C4 TC4 C . -1.34 -7.17 -1.07
C5 TC4 C . 1.24 -4.39 -6.57
C6 TC4 C . 1.07 -3.01 -5.95
C7 TC4 C . -0.67 -2.21 -4.24
C8 TC4 C . -2.71 -1.10 -3.39
C9 TC4 C . -3.69 -0.16 -4.08
C10 TC4 C . -3.29 1.30 -3.89
C11 TC4 C . -3.20 1.64 -2.41
C12 TC4 C . 1.06 -1.94 -7.04
C13 TC4 C . 0.79 0.44 -6.98
C14 TC4 C . 0.21 2.83 -6.65
C15 TC4 C . 0.43 3.91 -5.60
C16 TC4 C . -0.88 4.41 -5.00
C17 TC4 C . -0.63 5.63 -4.12
N1 TC4 C . -1.97 -1.93 -4.32
N2 TC4 C . 0.68 1.52 -6.19
O1 TC4 C . -0.16 -7.50 -6.49
O2 TC4 C . 1.01 -5.32 -5.52
O3 TC4 C . -0.23 -3.06 -5.36
O4 TC4 C . 0.05 -1.80 -3.33
O5 TC4 C . 1.30 -0.74 -6.29
O6 TC4 C . 0.49 0.43 -8.17
P1 TC4 C . 1.01 -6.90 -5.62
H1 TC4 C . -2.47 -2.30 -5.09
H2 TC4 C . 0.95 1.43 -5.26
C1 TC4 D . -0.73 1.19 8.33
C2 TC4 D . 0.28 0.45 7.46
C3 TC4 D . 0.21 -1.03 7.70
C4 TC4 D . 1.44 -1.66 7.05
C5 TC4 D . -0.38 4.57 6.19
C6 TC4 D . 0.25 4.33 4.80
C7 TC4 D . 2.17 2.85 4.10
C8 TC4 D . 4.35 2.30 3.07
C9 TC4 D . 4.11 2.61 1.60
C10 TC4 D . 5.29 3.33 0.99
C11 TC4 D . 5.03 2.91 -0.45
C12 TC4 D . 0.46 5.64 4.05
C13 TC4 D . 0.62 5.34 1.71
C14 TC4 D . 1.14 4.02 -0.32
C15 TC4 D . 0.42 3.04 -1.24
C16 TC4 D . 1.19 1.72 -1.38
C17 TC4 D . 0.47 0.62 -0.66
N1 TC4 D . 3.48 3.07 3.95
N2 TC4 D . 0.34 4.35 0.87
O1 TC4 D . 0.35 3.49 9.23
O2 TC4 D . -0.47 3.29 6.81
O3 TC4 D . 1.55 3.78 5.05
O4 TC4 D . 1.56 1.96 3.51
O5 TC4 D . -0.28 5.50 2.86
O6 TC4 D . 1.59 6.09 1.60
P1 TC4 D . -0.77 2.85 8.31
H1 TC4 D . 3.89 3.80 4.46
H2 TC4 D . -0.45 3.80 1.05
#